data_6CMH
# 
_entry.id   6CMH 
# 
_audit_conform.dict_name       mmcif_pdbx.dic 
_audit_conform.dict_version    5.383 
_audit_conform.dict_location   http://mmcif.pdb.org/dictionaries/ascii/mmcif_pdbx.dic 
# 
loop_
_database_2.database_id 
_database_2.database_code 
_database_2.pdbx_database_accession 
_database_2.pdbx_DOI 
PDB   6CMH         pdb_00006cmh 10.2210/pdb6cmh/pdb 
RCSB  RCSB007007   ?            ?                   
WWPDB D_1000007007 ?            ?                   
# 
loop_
_pdbx_audit_revision_history.ordinal 
_pdbx_audit_revision_history.data_content_type 
_pdbx_audit_revision_history.major_revision 
_pdbx_audit_revision_history.minor_revision 
_pdbx_audit_revision_history.revision_date 
1 'Structure model' 1 0 1999-09-29 
2 'Structure model' 1 1 2008-04-27 
3 'Structure model' 1 2 2011-07-13 
4 'Structure model' 1 3 2022-03-16 
5 'Structure model' 1 4 2023-12-27 
# 
_pdbx_audit_revision_details.ordinal             1 
_pdbx_audit_revision_details.revision_ordinal    1 
_pdbx_audit_revision_details.data_content_type   'Structure model' 
_pdbx_audit_revision_details.provider            repository 
_pdbx_audit_revision_details.type                'Initial release' 
_pdbx_audit_revision_details.description         ? 
_pdbx_audit_revision_details.details             ? 
# 
loop_
_pdbx_audit_revision_group.ordinal 
_pdbx_audit_revision_group.revision_ordinal 
_pdbx_audit_revision_group.data_content_type 
_pdbx_audit_revision_group.group 
1 2 'Structure model' 'Version format compliance' 
2 3 'Structure model' 'Version format compliance' 
3 4 'Structure model' 'Database references'       
4 4 'Structure model' 'Derived calculations'      
5 5 'Structure model' 'Data collection'           
# 
loop_
_pdbx_audit_revision_category.ordinal 
_pdbx_audit_revision_category.revision_ordinal 
_pdbx_audit_revision_category.data_content_type 
_pdbx_audit_revision_category.category 
1 4 'Structure model' database_2            
2 4 'Structure model' pdbx_struct_assembly  
3 4 'Structure model' pdbx_struct_oper_list 
4 4 'Structure model' struct_conn           
5 4 'Structure model' struct_ref_seq_dif    
6 5 'Structure model' chem_comp_atom        
7 5 'Structure model' chem_comp_bond        
# 
loop_
_pdbx_audit_revision_item.ordinal 
_pdbx_audit_revision_item.revision_ordinal 
_pdbx_audit_revision_item.data_content_type 
_pdbx_audit_revision_item.item 
1 4 'Structure model' '_database_2.pdbx_DOI'                
2 4 'Structure model' '_database_2.pdbx_database_accession' 
3 4 'Structure model' '_struct_conn.pdbx_leaving_atom_flag' 
4 4 'Structure model' '_struct_ref_seq_dif.details'         
# 
_database_PDB_caveat.id     1 
_database_PDB_caveat.text   'THERE IS A CHIRALITY ERROR AT THE C-ALPHA CENTER OF LEU A 17.' 
# 
_pdbx_database_status.status_code                     REL 
_pdbx_database_status.entry_id                        6CMH 
_pdbx_database_status.recvd_initial_deposition_date   1998-09-03 
_pdbx_database_status.deposit_site                    BNL 
_pdbx_database_status.process_site                    RCSB 
_pdbx_database_status.SG_entry                        . 
_pdbx_database_status.pdb_format_compatible           Y 
_pdbx_database_status.status_code_mr                  ? 
_pdbx_database_status.status_code_sf                  ? 
_pdbx_database_status.status_code_cs                  ? 
_pdbx_database_status.status_code_nmr_data            ? 
_pdbx_database_status.methods_development_category    ? 
# 
_pdbx_database_related.db_name        PDB 
_pdbx_database_related.db_id          3CMH 
_pdbx_database_related.details        . 
_pdbx_database_related.content_type   unspecified 
# 
loop_
_audit_author.name 
_audit_author.pdbx_ordinal 
'Hewage, C.M.'    1 
'Jiang, L.'       2 
'Parkinson, J.A.' 3 
'Ramage, R.'      4 
'Sadler, I.H.'    5 
# 
_citation.id                        primary 
_citation.title                     
;Solution structure of a novel ETB receptor selective agonist ET1-21 [Cys(Acm)1,15, Aib3,11, Leu7] by nuclear magnetic resonance spectroscopy and molecular modelling.
;
_citation.journal_abbrev            J.Pept.Res. 
_citation.journal_volume            53 
_citation.page_first                223 
_citation.page_last                 233 
_citation.year                      1999 
_citation.journal_id_ASTM           JPERFA 
_citation.country                   DK 
_citation.journal_id_ISSN           1397-002X 
_citation.journal_id_CSD            2150 
_citation.book_publisher            ? 
_citation.pdbx_database_id_PubMed   10231710 
_citation.pdbx_database_id_DOI      10.1034/j.1399-3011.1999.00001.x 
# 
loop_
_citation_author.citation_id 
_citation_author.name 
_citation_author.ordinal 
_citation_author.identifier_ORCID 
primary 'Hewage, C.M.'    1 ? 
primary 'Jiang, L.'       2 ? 
primary 'Parkinson, J.A.' 3 ? 
primary 'Ramage, R.'      4 ? 
primary 'Sadler, I.H.'    5 ? 
# 
_entity.id                         1 
_entity.type                       polymer 
_entity.src_method                 syn 
_entity.pdbx_description           'PROTEIN (ENDOTHELIN-1)' 
_entity.formula_weight             2429.810 
_entity.pdbx_number_of_molecules   1 
_entity.pdbx_ec                    ? 
_entity.pdbx_mutation              ? 
_entity.pdbx_fragment              ? 
_entity.details                    ? 
# 
_entity_poly.entity_id                      1 
_entity_poly.type                           'polypeptide(L)' 
_entity_poly.nstd_linkage                   no 
_entity_poly.nstd_monomer                   yes 
_entity_poly.pdbx_seq_one_letter_code       'CSASSLLDKE(AIB)VYFCHLDIIW' 
_entity_poly.pdbx_seq_one_letter_code_can   CSASSLLDKEAVYFCHLDIIW 
_entity_poly.pdbx_strand_id                 A 
_entity_poly.pdbx_target_identifier         ? 
# 
loop_
_entity_poly_seq.entity_id 
_entity_poly_seq.num 
_entity_poly_seq.mon_id 
_entity_poly_seq.hetero 
1 1  CYS n 
1 2  SER n 
1 3  ALA n 
1 4  SER n 
1 5  SER n 
1 6  LEU n 
1 7  LEU n 
1 8  ASP n 
1 9  LYS n 
1 10 GLU n 
1 11 AIB n 
1 12 VAL n 
1 13 TYR n 
1 14 PHE n 
1 15 CYS n 
1 16 HIS n 
1 17 LEU n 
1 18 ASP n 
1 19 ILE n 
1 20 ILE n 
1 21 TRP n 
# 
_pdbx_entity_src_syn.entity_id              1 
_pdbx_entity_src_syn.pdbx_src_id            1 
_pdbx_entity_src_syn.pdbx_alt_source_flag   sample 
_pdbx_entity_src_syn.pdbx_beg_seq_num       ? 
_pdbx_entity_src_syn.pdbx_end_seq_num       ? 
_pdbx_entity_src_syn.organism_scientific    ? 
_pdbx_entity_src_syn.organism_common_name   ? 
_pdbx_entity_src_syn.ncbi_taxonomy_id       ? 
_pdbx_entity_src_syn.details                'THE PEPTIDE WAS CHEMICALLY SYNTHESIZED FROM A BIOLOGICAL SOURCE.' 
# 
loop_
_chem_comp.id 
_chem_comp.type 
_chem_comp.mon_nstd_flag 
_chem_comp.name 
_chem_comp.pdbx_synonyms 
_chem_comp.formula 
_chem_comp.formula_weight 
AIB 'L-peptide linking' n 'ALPHA-AMINOISOBUTYRIC ACID' ? 'C4 H9 N O2'     103.120 
ALA 'L-peptide linking' y ALANINE                      ? 'C3 H7 N O2'     89.093  
ASP 'L-peptide linking' y 'ASPARTIC ACID'              ? 'C4 H7 N O4'     133.103 
CYS 'L-peptide linking' y CYSTEINE                     ? 'C3 H7 N O2 S'   121.158 
GLU 'L-peptide linking' y 'GLUTAMIC ACID'              ? 'C5 H9 N O4'     147.129 
HIS 'L-peptide linking' y HISTIDINE                    ? 'C6 H10 N3 O2 1' 156.162 
ILE 'L-peptide linking' y ISOLEUCINE                   ? 'C6 H13 N O2'    131.173 
LEU 'L-peptide linking' y LEUCINE                      ? 'C6 H13 N O2'    131.173 
LYS 'L-peptide linking' y LYSINE                       ? 'C6 H15 N2 O2 1' 147.195 
MET 'L-peptide linking' y METHIONINE                   ? 'C5 H11 N O2 S'  149.211 
PHE 'L-peptide linking' y PHENYLALANINE                ? 'C9 H11 N O2'    165.189 
SER 'L-peptide linking' y SERINE                       ? 'C3 H7 N O3'     105.093 
TRP 'L-peptide linking' y TRYPTOPHAN                   ? 'C11 H12 N2 O2'  204.225 
TYR 'L-peptide linking' y TYROSINE                     ? 'C9 H11 N O3'    181.189 
VAL 'L-peptide linking' y VALINE                       ? 'C5 H11 N O2'    117.146 
# 
loop_
_pdbx_poly_seq_scheme.asym_id 
_pdbx_poly_seq_scheme.entity_id 
_pdbx_poly_seq_scheme.seq_id 
_pdbx_poly_seq_scheme.mon_id 
_pdbx_poly_seq_scheme.ndb_seq_num 
_pdbx_poly_seq_scheme.pdb_seq_num 
_pdbx_poly_seq_scheme.auth_seq_num 
_pdbx_poly_seq_scheme.pdb_mon_id 
_pdbx_poly_seq_scheme.auth_mon_id 
_pdbx_poly_seq_scheme.pdb_strand_id 
_pdbx_poly_seq_scheme.pdb_ins_code 
_pdbx_poly_seq_scheme.hetero 
A 1 1  CYS 1  1  1  CYS CYS A . n 
A 1 2  SER 2  2  2  SER SER A . n 
A 1 3  ALA 3  3  3  ALA ALA A . n 
A 1 4  SER 4  4  4  SER SER A . n 
A 1 5  SER 5  5  5  SER SER A . n 
A 1 6  LEU 6  6  6  LEU LEU A . n 
A 1 7  LEU 7  7  7  LEU LEU A . n 
A 1 8  ASP 8  8  8  ASP ASP A . n 
A 1 9  LYS 9  9  9  LYS LYS A . n 
A 1 10 GLU 10 10 10 GLU GLU A . n 
A 1 11 AIB 11 11 11 AIB AIB A . n 
A 1 12 VAL 12 12 12 VAL VAL A . n 
A 1 13 TYR 13 13 13 TYR TYR A . n 
A 1 14 PHE 14 14 14 PHE PHE A . n 
A 1 15 CYS 15 15 15 CYS CYS A . n 
A 1 16 HIS 16 16 16 HIS HIS A . n 
A 1 17 LEU 17 17 17 LEU LEU A . n 
A 1 18 ASP 18 18 18 ASP ASP A . n 
A 1 19 ILE 19 19 19 ILE ILE A . n 
A 1 20 ILE 20 20 20 ILE ILE A . n 
A 1 21 TRP 21 21 21 TRP TRP A . n 
# 
_cell.entry_id           6CMH 
_cell.length_a           1.000 
_cell.length_b           1.000 
_cell.length_c           1.000 
_cell.angle_alpha        90.00 
_cell.angle_beta         90.00 
_cell.angle_gamma        90.00 
_cell.Z_PDB              1 
_cell.pdbx_unique_axis   ? 
# 
_symmetry.entry_id                         6CMH 
_symmetry.space_group_name_H-M             'P 1' 
_symmetry.pdbx_full_space_group_name_H-M   ? 
_symmetry.cell_setting                     ? 
_symmetry.Int_Tables_number                1 
# 
_exptl.entry_id          6CMH 
_exptl.method            'SOLUTION NMR' 
_exptl.crystals_number   ? 
# 
_struct.entry_id                  6CMH 
_struct.title                     'SYNTHETIC LINEAR MODIFIED ENDOTHELIN-1 AGONIST' 
_struct.pdbx_model_details        ? 
_struct.pdbx_CASP_flag            ? 
_struct.pdbx_model_type_details   ? 
# 
_struct_keywords.entry_id        6CMH 
_struct_keywords.pdbx_keywords   'CONTRACTILE PROTEIN' 
_struct_keywords.text            'VASOCONSTRICTOR, ENDOTHELIN-1, CONTRACTILE PROTEIN' 
# 
_struct_asym.id                            A 
_struct_asym.pdbx_blank_PDB_chainid_flag   N 
_struct_asym.pdbx_modified                 N 
_struct_asym.entity_id                     1 
_struct_asym.details                       ? 
# 
_struct_ref.id                         1 
_struct_ref.db_name                    UNP 
_struct_ref.db_code                    EDN1_RAT 
_struct_ref.entity_id                  1 
_struct_ref.pdbx_db_accession          P22388 
_struct_ref.pdbx_align_begin           ? 
_struct_ref.pdbx_seq_one_letter_code   ? 
_struct_ref.pdbx_db_isoform            ? 
# 
_struct_ref_seq.align_id                      1 
_struct_ref_seq.ref_id                        1 
_struct_ref_seq.pdbx_PDB_id_code              6CMH 
_struct_ref_seq.pdbx_strand_id                A 
_struct_ref_seq.seq_align_beg                 1 
_struct_ref_seq.pdbx_seq_align_beg_ins_code   ? 
_struct_ref_seq.seq_align_end                 21 
_struct_ref_seq.pdbx_seq_align_end_ins_code   ? 
_struct_ref_seq.pdbx_db_accession             P22388 
_struct_ref_seq.db_align_beg                  53 
_struct_ref_seq.pdbx_db_align_beg_ins_code    ? 
_struct_ref_seq.db_align_end                  73 
_struct_ref_seq.pdbx_db_align_end_ins_code    ? 
_struct_ref_seq.pdbx_auth_seq_align_beg       1 
_struct_ref_seq.pdbx_auth_seq_align_end       21 
# 
loop_
_struct_ref_seq_dif.align_id 
_struct_ref_seq_dif.pdbx_pdb_id_code 
_struct_ref_seq_dif.mon_id 
_struct_ref_seq_dif.pdbx_pdb_strand_id 
_struct_ref_seq_dif.seq_num 
_struct_ref_seq_dif.pdbx_pdb_ins_code 
_struct_ref_seq_dif.pdbx_seq_db_name 
_struct_ref_seq_dif.pdbx_seq_db_accession_code 
_struct_ref_seq_dif.db_mon_id 
_struct_ref_seq_dif.pdbx_seq_db_seq_num 
_struct_ref_seq_dif.details 
_struct_ref_seq_dif.pdbx_auth_seq_num 
_struct_ref_seq_dif.pdbx_ordinal 
1 6CMH ALA A 3  ? UNP P22388 CYS 55 conflict 3  1 
1 6CMH LEU A 7  ? UNP P22388 MET 59 conflict 7  2 
1 6CMH AIB A 11 ? UNP P22388 CYS 63 conflict 11 3 
# 
_pdbx_struct_assembly.id                   1 
_pdbx_struct_assembly.details              author_defined_assembly 
_pdbx_struct_assembly.method_details       ? 
_pdbx_struct_assembly.oligomeric_details   monomeric 
_pdbx_struct_assembly.oligomeric_count     1 
# 
_pdbx_struct_assembly_gen.assembly_id       1 
_pdbx_struct_assembly_gen.oper_expression   1 
_pdbx_struct_assembly_gen.asym_id_list      A 
# 
_pdbx_struct_oper_list.id                   1 
_pdbx_struct_oper_list.type                 'identity operation' 
_pdbx_struct_oper_list.name                 1_555 
_pdbx_struct_oper_list.symmetry_operation   x,y,z 
_pdbx_struct_oper_list.matrix[1][1]         1.0000000000 
_pdbx_struct_oper_list.matrix[1][2]         0.0000000000 
_pdbx_struct_oper_list.matrix[1][3]         0.0000000000 
_pdbx_struct_oper_list.vector[1]            0.0000000000 
_pdbx_struct_oper_list.matrix[2][1]         0.0000000000 
_pdbx_struct_oper_list.matrix[2][2]         1.0000000000 
_pdbx_struct_oper_list.matrix[2][3]         0.0000000000 
_pdbx_struct_oper_list.vector[2]            0.0000000000 
_pdbx_struct_oper_list.matrix[3][1]         0.0000000000 
_pdbx_struct_oper_list.matrix[3][2]         0.0000000000 
_pdbx_struct_oper_list.matrix[3][3]         1.0000000000 
_pdbx_struct_oper_list.vector[3]            0.0000000000 
# 
_struct_biol.id   1 
# 
loop_
_struct_conf.conf_type_id 
_struct_conf.id 
_struct_conf.pdbx_PDB_helix_id 
_struct_conf.beg_label_comp_id 
_struct_conf.beg_label_asym_id 
_struct_conf.beg_label_seq_id 
_struct_conf.pdbx_beg_PDB_ins_code 
_struct_conf.end_label_comp_id 
_struct_conf.end_label_asym_id 
_struct_conf.end_label_seq_id 
_struct_conf.pdbx_end_PDB_ins_code 
_struct_conf.beg_auth_comp_id 
_struct_conf.beg_auth_asym_id 
_struct_conf.beg_auth_seq_id 
_struct_conf.end_auth_comp_id 
_struct_conf.end_auth_asym_id 
_struct_conf.end_auth_seq_id 
_struct_conf.pdbx_PDB_helix_class 
_struct_conf.details 
_struct_conf.pdbx_PDB_helix_length 
HELX_P HELX_P1 1 SER A 2 ? SER A 5  ? SER A 2 SER A 5  1 ? 4 
HELX_P HELX_P2 2 LYS A 9 ? HIS A 16 ? LYS A 9 HIS A 16 5 ? 8 
# 
_struct_conf_type.id          HELX_P 
_struct_conf_type.criteria    ? 
_struct_conf_type.reference   ? 
# 
loop_
_struct_conn.id 
_struct_conn.conn_type_id 
_struct_conn.pdbx_leaving_atom_flag 
_struct_conn.pdbx_PDB_id 
_struct_conn.ptnr1_label_asym_id 
_struct_conn.ptnr1_label_comp_id 
_struct_conn.ptnr1_label_seq_id 
_struct_conn.ptnr1_label_atom_id 
_struct_conn.pdbx_ptnr1_label_alt_id 
_struct_conn.pdbx_ptnr1_PDB_ins_code 
_struct_conn.pdbx_ptnr1_standard_comp_id 
_struct_conn.ptnr1_symmetry 
_struct_conn.ptnr2_label_asym_id 
_struct_conn.ptnr2_label_comp_id 
_struct_conn.ptnr2_label_seq_id 
_struct_conn.ptnr2_label_atom_id 
_struct_conn.pdbx_ptnr2_label_alt_id 
_struct_conn.pdbx_ptnr2_PDB_ins_code 
_struct_conn.ptnr1_auth_asym_id 
_struct_conn.ptnr1_auth_comp_id 
_struct_conn.ptnr1_auth_seq_id 
_struct_conn.ptnr2_auth_asym_id 
_struct_conn.ptnr2_auth_comp_id 
_struct_conn.ptnr2_auth_seq_id 
_struct_conn.ptnr2_symmetry 
_struct_conn.pdbx_ptnr3_label_atom_id 
_struct_conn.pdbx_ptnr3_label_seq_id 
_struct_conn.pdbx_ptnr3_label_comp_id 
_struct_conn.pdbx_ptnr3_label_asym_id 
_struct_conn.pdbx_ptnr3_label_alt_id 
_struct_conn.pdbx_ptnr3_PDB_ins_code 
_struct_conn.details 
_struct_conn.pdbx_dist_value 
_struct_conn.pdbx_value_order 
_struct_conn.pdbx_role 
covale1 covale both ? A GLU 10 C ? ? ? 1_555 A AIB 11 N ? ? A GLU 10 A AIB 11 1_555 ? ? ? ? ? ? ? 1.354 ? ? 
covale2 covale both ? A AIB 11 C ? ? ? 1_555 A VAL 12 N ? ? A AIB 11 A VAL 12 1_555 ? ? ? ? ? ? ? 1.352 ? ? 
# 
_struct_conn_type.id          covale 
_struct_conn_type.criteria    ? 
_struct_conn_type.reference   ? 
# 
loop_
_pdbx_validate_torsion.id 
_pdbx_validate_torsion.PDB_model_num 
_pdbx_validate_torsion.auth_comp_id 
_pdbx_validate_torsion.auth_asym_id 
_pdbx_validate_torsion.auth_seq_id 
_pdbx_validate_torsion.PDB_ins_code 
_pdbx_validate_torsion.label_alt_id 
_pdbx_validate_torsion.phi 
_pdbx_validate_torsion.psi 
1 1 LEU A 6  ? ? -104.16 -94.22 
2 1 LEU A 7  ? ? 34.43   -82.68 
3 1 LEU A 17 ? ? 48.67   25.19  
4 1 ASP A 18 ? ? 61.34   65.13  
5 1 ILE A 20 ? ? 54.78   -6.17  
# 
_pdbx_validate_peptide_omega.id               1 
_pdbx_validate_peptide_omega.PDB_model_num    1 
_pdbx_validate_peptide_omega.auth_comp_id_1   ILE 
_pdbx_validate_peptide_omega.auth_asym_id_1   A 
_pdbx_validate_peptide_omega.auth_seq_id_1    20 
_pdbx_validate_peptide_omega.PDB_ins_code_1   ? 
_pdbx_validate_peptide_omega.label_alt_id_1   ? 
_pdbx_validate_peptide_omega.auth_comp_id_2   TRP 
_pdbx_validate_peptide_omega.auth_asym_id_2   A 
_pdbx_validate_peptide_omega.auth_seq_id_2    21 
_pdbx_validate_peptide_omega.PDB_ins_code_2   ? 
_pdbx_validate_peptide_omega.label_alt_id_2   ? 
_pdbx_validate_peptide_omega.omega            148.18 
# 
_pdbx_validate_chiral.id              1 
_pdbx_validate_chiral.PDB_model_num   1 
_pdbx_validate_chiral.auth_atom_id    CA 
_pdbx_validate_chiral.label_alt_id    ? 
_pdbx_validate_chiral.auth_asym_id    A 
_pdbx_validate_chiral.auth_comp_id    LEU 
_pdbx_validate_chiral.auth_seq_id     17 
_pdbx_validate_chiral.PDB_ins_code    ? 
_pdbx_validate_chiral.details         'WRONG HAND' 
_pdbx_validate_chiral.omega           . 
# 
_pdbx_struct_mod_residue.id               1 
_pdbx_struct_mod_residue.label_asym_id    A 
_pdbx_struct_mod_residue.label_comp_id    AIB 
_pdbx_struct_mod_residue.label_seq_id     11 
_pdbx_struct_mod_residue.auth_asym_id     A 
_pdbx_struct_mod_residue.auth_comp_id     AIB 
_pdbx_struct_mod_residue.auth_seq_id      11 
_pdbx_struct_mod_residue.PDB_ins_code     ? 
_pdbx_struct_mod_residue.parent_comp_id   ALA 
_pdbx_struct_mod_residue.details          'ALPHA-AMINOISOBUTYRIC ACID' 
# 
_pdbx_nmr_ensemble.entry_id                                      6CMH 
_pdbx_nmr_ensemble.conformers_calculated_total_number            10 
_pdbx_nmr_ensemble.conformers_submitted_total_number             1 
_pdbx_nmr_ensemble.conformer_selection_criteria                  ? 
_pdbx_nmr_ensemble.average_constraints_per_residue               ? 
_pdbx_nmr_ensemble.average_constraint_violations_per_residue     ? 
_pdbx_nmr_ensemble.maximum_distance_constraint_violation         ? 
_pdbx_nmr_ensemble.average_distance_constraint_violation         ? 
_pdbx_nmr_ensemble.maximum_upper_distance_constraint_violation   ? 
_pdbx_nmr_ensemble.maximum_lower_distance_constraint_violation   ? 
_pdbx_nmr_ensemble.distance_constraint_violation_method          ? 
_pdbx_nmr_ensemble.maximum_torsion_angle_constraint_violation    ? 
_pdbx_nmr_ensemble.average_torsion_angle_constraint_violation    ? 
_pdbx_nmr_ensemble.torsion_angle_constraint_violation_method     ? 
# 
_pdbx_nmr_sample_details.solution_id      1 
_pdbx_nmr_sample_details.contents         '50% H2O/ 50% CD3OH' 
_pdbx_nmr_sample_details.solvent_system   ? 
# 
_pdbx_nmr_exptl_sample_conditions.conditions_id       1 
_pdbx_nmr_exptl_sample_conditions.temperature         298 
_pdbx_nmr_exptl_sample_conditions.pressure            ? 
_pdbx_nmr_exptl_sample_conditions.pH                  3.6 
_pdbx_nmr_exptl_sample_conditions.ionic_strength      ? 
_pdbx_nmr_exptl_sample_conditions.pressure_units      ? 
_pdbx_nmr_exptl_sample_conditions.temperature_units   K 
# 
loop_
_pdbx_nmr_exptl.experiment_id 
_pdbx_nmr_exptl.conditions_id 
_pdbx_nmr_exptl.type 
_pdbx_nmr_exptl.solution_id 
1 1 NOESY 1 
2 1 TOCSY 1 
# 
_pdbx_nmr_details.entry_id   6CMH 
_pdbx_nmr_details.text       'BACK CALCULATED STRUCTURE. 2D NMR METHODS' 
# 
_pdbx_nmr_refine.entry_id           6CMH 
_pdbx_nmr_refine.method             'DG, DSA, MD' 
_pdbx_nmr_refine.details            ? 
_pdbx_nmr_refine.software_ordinal   1 
# 
loop_
_pdbx_nmr_software.classification 
_pdbx_nmr_software.name 
_pdbx_nmr_software.version 
_pdbx_nmr_software.authors 
_pdbx_nmr_software.ordinal 
refinement           TRIPOS 6.1    ? 1 
'structure solution' SYBYL  TRIPOS ? 2 
# 
loop_
_chem_comp_atom.comp_id 
_chem_comp_atom.atom_id 
_chem_comp_atom.type_symbol 
_chem_comp_atom.pdbx_aromatic_flag 
_chem_comp_atom.pdbx_stereo_config 
_chem_comp_atom.pdbx_ordinal 
AIB N    N N N 1   
AIB CA   C N N 2   
AIB C    C N N 3   
AIB O    O N N 4   
AIB OXT  O N N 5   
AIB CB1  C N N 6   
AIB CB2  C N N 7   
AIB H    H N N 8   
AIB H2   H N N 9   
AIB HXT  H N N 10  
AIB HB11 H N N 11  
AIB HB12 H N N 12  
AIB HB13 H N N 13  
AIB HB21 H N N 14  
AIB HB22 H N N 15  
AIB HB23 H N N 16  
ALA N    N N N 17  
ALA CA   C N S 18  
ALA C    C N N 19  
ALA O    O N N 20  
ALA CB   C N N 21  
ALA OXT  O N N 22  
ALA H    H N N 23  
ALA H2   H N N 24  
ALA HA   H N N 25  
ALA HB1  H N N 26  
ALA HB2  H N N 27  
ALA HB3  H N N 28  
ALA HXT  H N N 29  
ASP N    N N N 30  
ASP CA   C N S 31  
ASP C    C N N 32  
ASP O    O N N 33  
ASP CB   C N N 34  
ASP CG   C N N 35  
ASP OD1  O N N 36  
ASP OD2  O N N 37  
ASP OXT  O N N 38  
ASP H    H N N 39  
ASP H2   H N N 40  
ASP HA   H N N 41  
ASP HB2  H N N 42  
ASP HB3  H N N 43  
ASP HD2  H N N 44  
ASP HXT  H N N 45  
CYS N    N N N 46  
CYS CA   C N R 47  
CYS C    C N N 48  
CYS O    O N N 49  
CYS CB   C N N 50  
CYS SG   S N N 51  
CYS OXT  O N N 52  
CYS H    H N N 53  
CYS H2   H N N 54  
CYS HA   H N N 55  
CYS HB2  H N N 56  
CYS HB3  H N N 57  
CYS HG   H N N 58  
CYS HXT  H N N 59  
GLU N    N N N 60  
GLU CA   C N S 61  
GLU C    C N N 62  
GLU O    O N N 63  
GLU CB   C N N 64  
GLU CG   C N N 65  
GLU CD   C N N 66  
GLU OE1  O N N 67  
GLU OE2  O N N 68  
GLU OXT  O N N 69  
GLU H    H N N 70  
GLU H2   H N N 71  
GLU HA   H N N 72  
GLU HB2  H N N 73  
GLU HB3  H N N 74  
GLU HG2  H N N 75  
GLU HG3  H N N 76  
GLU HE2  H N N 77  
GLU HXT  H N N 78  
HIS N    N N N 79  
HIS CA   C N S 80  
HIS C    C N N 81  
HIS O    O N N 82  
HIS CB   C N N 83  
HIS CG   C Y N 84  
HIS ND1  N Y N 85  
HIS CD2  C Y N 86  
HIS CE1  C Y N 87  
HIS NE2  N Y N 88  
HIS OXT  O N N 89  
HIS H    H N N 90  
HIS H2   H N N 91  
HIS HA   H N N 92  
HIS HB2  H N N 93  
HIS HB3  H N N 94  
HIS HD1  H N N 95  
HIS HD2  H N N 96  
HIS HE1  H N N 97  
HIS HE2  H N N 98  
HIS HXT  H N N 99  
ILE N    N N N 100 
ILE CA   C N S 101 
ILE C    C N N 102 
ILE O    O N N 103 
ILE CB   C N S 104 
ILE CG1  C N N 105 
ILE CG2  C N N 106 
ILE CD1  C N N 107 
ILE OXT  O N N 108 
ILE H    H N N 109 
ILE H2   H N N 110 
ILE HA   H N N 111 
ILE HB   H N N 112 
ILE HG12 H N N 113 
ILE HG13 H N N 114 
ILE HG21 H N N 115 
ILE HG22 H N N 116 
ILE HG23 H N N 117 
ILE HD11 H N N 118 
ILE HD12 H N N 119 
ILE HD13 H N N 120 
ILE HXT  H N N 121 
LEU N    N N N 122 
LEU CA   C N S 123 
LEU C    C N N 124 
LEU O    O N N 125 
LEU CB   C N N 126 
LEU CG   C N N 127 
LEU CD1  C N N 128 
LEU CD2  C N N 129 
LEU OXT  O N N 130 
LEU H    H N N 131 
LEU H2   H N N 132 
LEU HA   H N N 133 
LEU HB2  H N N 134 
LEU HB3  H N N 135 
LEU HG   H N N 136 
LEU HD11 H N N 137 
LEU HD12 H N N 138 
LEU HD13 H N N 139 
LEU HD21 H N N 140 
LEU HD22 H N N 141 
LEU HD23 H N N 142 
LEU HXT  H N N 143 
LYS N    N N N 144 
LYS CA   C N S 145 
LYS C    C N N 146 
LYS O    O N N 147 
LYS CB   C N N 148 
LYS CG   C N N 149 
LYS CD   C N N 150 
LYS CE   C N N 151 
LYS NZ   N N N 152 
LYS OXT  O N N 153 
LYS H    H N N 154 
LYS H2   H N N 155 
LYS HA   H N N 156 
LYS HB2  H N N 157 
LYS HB3  H N N 158 
LYS HG2  H N N 159 
LYS HG3  H N N 160 
LYS HD2  H N N 161 
LYS HD3  H N N 162 
LYS HE2  H N N 163 
LYS HE3  H N N 164 
LYS HZ1  H N N 165 
LYS HZ2  H N N 166 
LYS HZ3  H N N 167 
LYS HXT  H N N 168 
MET N    N N N 169 
MET CA   C N S 170 
MET C    C N N 171 
MET O    O N N 172 
MET CB   C N N 173 
MET CG   C N N 174 
MET SD   S N N 175 
MET CE   C N N 176 
MET OXT  O N N 177 
MET H    H N N 178 
MET H2   H N N 179 
MET HA   H N N 180 
MET HB2  H N N 181 
MET HB3  H N N 182 
MET HG2  H N N 183 
MET HG3  H N N 184 
MET HE1  H N N 185 
MET HE2  H N N 186 
MET HE3  H N N 187 
MET HXT  H N N 188 
PHE N    N N N 189 
PHE CA   C N S 190 
PHE C    C N N 191 
PHE O    O N N 192 
PHE CB   C N N 193 
PHE CG   C Y N 194 
PHE CD1  C Y N 195 
PHE CD2  C Y N 196 
PHE CE1  C Y N 197 
PHE CE2  C Y N 198 
PHE CZ   C Y N 199 
PHE OXT  O N N 200 
PHE H    H N N 201 
PHE H2   H N N 202 
PHE HA   H N N 203 
PHE HB2  H N N 204 
PHE HB3  H N N 205 
PHE HD1  H N N 206 
PHE HD2  H N N 207 
PHE HE1  H N N 208 
PHE HE2  H N N 209 
PHE HZ   H N N 210 
PHE HXT  H N N 211 
SER N    N N N 212 
SER CA   C N S 213 
SER C    C N N 214 
SER O    O N N 215 
SER CB   C N N 216 
SER OG   O N N 217 
SER OXT  O N N 218 
SER H    H N N 219 
SER H2   H N N 220 
SER HA   H N N 221 
SER HB2  H N N 222 
SER HB3  H N N 223 
SER HG   H N N 224 
SER HXT  H N N 225 
TRP N    N N N 226 
TRP CA   C N S 227 
TRP C    C N N 228 
TRP O    O N N 229 
TRP CB   C N N 230 
TRP CG   C Y N 231 
TRP CD1  C Y N 232 
TRP CD2  C Y N 233 
TRP NE1  N Y N 234 
TRP CE2  C Y N 235 
TRP CE3  C Y N 236 
TRP CZ2  C Y N 237 
TRP CZ3  C Y N 238 
TRP CH2  C Y N 239 
TRP OXT  O N N 240 
TRP H    H N N 241 
TRP H2   H N N 242 
TRP HA   H N N 243 
TRP HB2  H N N 244 
TRP HB3  H N N 245 
TRP HD1  H N N 246 
TRP HE1  H N N 247 
TRP HE3  H N N 248 
TRP HZ2  H N N 249 
TRP HZ3  H N N 250 
TRP HH2  H N N 251 
TRP HXT  H N N 252 
TYR N    N N N 253 
TYR CA   C N S 254 
TYR C    C N N 255 
TYR O    O N N 256 
TYR CB   C N N 257 
TYR CG   C Y N 258 
TYR CD1  C Y N 259 
TYR CD2  C Y N 260 
TYR CE1  C Y N 261 
TYR CE2  C Y N 262 
TYR CZ   C Y N 263 
TYR OH   O N N 264 
TYR OXT  O N N 265 
TYR H    H N N 266 
TYR H2   H N N 267 
TYR HA   H N N 268 
TYR HB2  H N N 269 
TYR HB3  H N N 270 
TYR HD1  H N N 271 
TYR HD2  H N N 272 
TYR HE1  H N N 273 
TYR HE2  H N N 274 
TYR HH   H N N 275 
TYR HXT  H N N 276 
VAL N    N N N 277 
VAL CA   C N S 278 
VAL C    C N N 279 
VAL O    O N N 280 
VAL CB   C N N 281 
VAL CG1  C N N 282 
VAL CG2  C N N 283 
VAL OXT  O N N 284 
VAL H    H N N 285 
VAL H2   H N N 286 
VAL HA   H N N 287 
VAL HB   H N N 288 
VAL HG11 H N N 289 
VAL HG12 H N N 290 
VAL HG13 H N N 291 
VAL HG21 H N N 292 
VAL HG22 H N N 293 
VAL HG23 H N N 294 
VAL HXT  H N N 295 
# 
loop_
_chem_comp_bond.comp_id 
_chem_comp_bond.atom_id_1 
_chem_comp_bond.atom_id_2 
_chem_comp_bond.value_order 
_chem_comp_bond.pdbx_aromatic_flag 
_chem_comp_bond.pdbx_stereo_config 
_chem_comp_bond.pdbx_ordinal 
AIB N   CA   sing N N 1   
AIB N   H    sing N N 2   
AIB N   H2   sing N N 3   
AIB CA  C    sing N N 4   
AIB CA  CB1  sing N N 5   
AIB CA  CB2  sing N N 6   
AIB C   O    doub N N 7   
AIB C   OXT  sing N N 8   
AIB OXT HXT  sing N N 9   
AIB CB1 HB11 sing N N 10  
AIB CB1 HB12 sing N N 11  
AIB CB1 HB13 sing N N 12  
AIB CB2 HB21 sing N N 13  
AIB CB2 HB22 sing N N 14  
AIB CB2 HB23 sing N N 15  
ALA N   CA   sing N N 16  
ALA N   H    sing N N 17  
ALA N   H2   sing N N 18  
ALA CA  C    sing N N 19  
ALA CA  CB   sing N N 20  
ALA CA  HA   sing N N 21  
ALA C   O    doub N N 22  
ALA C   OXT  sing N N 23  
ALA CB  HB1  sing N N 24  
ALA CB  HB2  sing N N 25  
ALA CB  HB3  sing N N 26  
ALA OXT HXT  sing N N 27  
ASP N   CA   sing N N 28  
ASP N   H    sing N N 29  
ASP N   H2   sing N N 30  
ASP CA  C    sing N N 31  
ASP CA  CB   sing N N 32  
ASP CA  HA   sing N N 33  
ASP C   O    doub N N 34  
ASP C   OXT  sing N N 35  
ASP CB  CG   sing N N 36  
ASP CB  HB2  sing N N 37  
ASP CB  HB3  sing N N 38  
ASP CG  OD1  doub N N 39  
ASP CG  OD2  sing N N 40  
ASP OD2 HD2  sing N N 41  
ASP OXT HXT  sing N N 42  
CYS N   CA   sing N N 43  
CYS N   H    sing N N 44  
CYS N   H2   sing N N 45  
CYS CA  C    sing N N 46  
CYS CA  CB   sing N N 47  
CYS CA  HA   sing N N 48  
CYS C   O    doub N N 49  
CYS C   OXT  sing N N 50  
CYS CB  SG   sing N N 51  
CYS CB  HB2  sing N N 52  
CYS CB  HB3  sing N N 53  
CYS SG  HG   sing N N 54  
CYS OXT HXT  sing N N 55  
GLU N   CA   sing N N 56  
GLU N   H    sing N N 57  
GLU N   H2   sing N N 58  
GLU CA  C    sing N N 59  
GLU CA  CB   sing N N 60  
GLU CA  HA   sing N N 61  
GLU C   O    doub N N 62  
GLU C   OXT  sing N N 63  
GLU CB  CG   sing N N 64  
GLU CB  HB2  sing N N 65  
GLU CB  HB3  sing N N 66  
GLU CG  CD   sing N N 67  
GLU CG  HG2  sing N N 68  
GLU CG  HG3  sing N N 69  
GLU CD  OE1  doub N N 70  
GLU CD  OE2  sing N N 71  
GLU OE2 HE2  sing N N 72  
GLU OXT HXT  sing N N 73  
HIS N   CA   sing N N 74  
HIS N   H    sing N N 75  
HIS N   H2   sing N N 76  
HIS CA  C    sing N N 77  
HIS CA  CB   sing N N 78  
HIS CA  HA   sing N N 79  
HIS C   O    doub N N 80  
HIS C   OXT  sing N N 81  
HIS CB  CG   sing N N 82  
HIS CB  HB2  sing N N 83  
HIS CB  HB3  sing N N 84  
HIS CG  ND1  sing Y N 85  
HIS CG  CD2  doub Y N 86  
HIS ND1 CE1  doub Y N 87  
HIS ND1 HD1  sing N N 88  
HIS CD2 NE2  sing Y N 89  
HIS CD2 HD2  sing N N 90  
HIS CE1 NE2  sing Y N 91  
HIS CE1 HE1  sing N N 92  
HIS NE2 HE2  sing N N 93  
HIS OXT HXT  sing N N 94  
ILE N   CA   sing N N 95  
ILE N   H    sing N N 96  
ILE N   H2   sing N N 97  
ILE CA  C    sing N N 98  
ILE CA  CB   sing N N 99  
ILE CA  HA   sing N N 100 
ILE C   O    doub N N 101 
ILE C   OXT  sing N N 102 
ILE CB  CG1  sing N N 103 
ILE CB  CG2  sing N N 104 
ILE CB  HB   sing N N 105 
ILE CG1 CD1  sing N N 106 
ILE CG1 HG12 sing N N 107 
ILE CG1 HG13 sing N N 108 
ILE CG2 HG21 sing N N 109 
ILE CG2 HG22 sing N N 110 
ILE CG2 HG23 sing N N 111 
ILE CD1 HD11 sing N N 112 
ILE CD1 HD12 sing N N 113 
ILE CD1 HD13 sing N N 114 
ILE OXT HXT  sing N N 115 
LEU N   CA   sing N N 116 
LEU N   H    sing N N 117 
LEU N   H2   sing N N 118 
LEU CA  C    sing N N 119 
LEU CA  CB   sing N N 120 
LEU CA  HA   sing N N 121 
LEU C   O    doub N N 122 
LEU C   OXT  sing N N 123 
LEU CB  CG   sing N N 124 
LEU CB  HB2  sing N N 125 
LEU CB  HB3  sing N N 126 
LEU CG  CD1  sing N N 127 
LEU CG  CD2  sing N N 128 
LEU CG  HG   sing N N 129 
LEU CD1 HD11 sing N N 130 
LEU CD1 HD12 sing N N 131 
LEU CD1 HD13 sing N N 132 
LEU CD2 HD21 sing N N 133 
LEU CD2 HD22 sing N N 134 
LEU CD2 HD23 sing N N 135 
LEU OXT HXT  sing N N 136 
LYS N   CA   sing N N 137 
LYS N   H    sing N N 138 
LYS N   H2   sing N N 139 
LYS CA  C    sing N N 140 
LYS CA  CB   sing N N 141 
LYS CA  HA   sing N N 142 
LYS C   O    doub N N 143 
LYS C   OXT  sing N N 144 
LYS CB  CG   sing N N 145 
LYS CB  HB2  sing N N 146 
LYS CB  HB3  sing N N 147 
LYS CG  CD   sing N N 148 
LYS CG  HG2  sing N N 149 
LYS CG  HG3  sing N N 150 
LYS CD  CE   sing N N 151 
LYS CD  HD2  sing N N 152 
LYS CD  HD3  sing N N 153 
LYS CE  NZ   sing N N 154 
LYS CE  HE2  sing N N 155 
LYS CE  HE3  sing N N 156 
LYS NZ  HZ1  sing N N 157 
LYS NZ  HZ2  sing N N 158 
LYS NZ  HZ3  sing N N 159 
LYS OXT HXT  sing N N 160 
MET N   CA   sing N N 161 
MET N   H    sing N N 162 
MET N   H2   sing N N 163 
MET CA  C    sing N N 164 
MET CA  CB   sing N N 165 
MET CA  HA   sing N N 166 
MET C   O    doub N N 167 
MET C   OXT  sing N N 168 
MET CB  CG   sing N N 169 
MET CB  HB2  sing N N 170 
MET CB  HB3  sing N N 171 
MET CG  SD   sing N N 172 
MET CG  HG2  sing N N 173 
MET CG  HG3  sing N N 174 
MET SD  CE   sing N N 175 
MET CE  HE1  sing N N 176 
MET CE  HE2  sing N N 177 
MET CE  HE3  sing N N 178 
MET OXT HXT  sing N N 179 
PHE N   CA   sing N N 180 
PHE N   H    sing N N 181 
PHE N   H2   sing N N 182 
PHE CA  C    sing N N 183 
PHE CA  CB   sing N N 184 
PHE CA  HA   sing N N 185 
PHE C   O    doub N N 186 
PHE C   OXT  sing N N 187 
PHE CB  CG   sing N N 188 
PHE CB  HB2  sing N N 189 
PHE CB  HB3  sing N N 190 
PHE CG  CD1  doub Y N 191 
PHE CG  CD2  sing Y N 192 
PHE CD1 CE1  sing Y N 193 
PHE CD1 HD1  sing N N 194 
PHE CD2 CE2  doub Y N 195 
PHE CD2 HD2  sing N N 196 
PHE CE1 CZ   doub Y N 197 
PHE CE1 HE1  sing N N 198 
PHE CE2 CZ   sing Y N 199 
PHE CE2 HE2  sing N N 200 
PHE CZ  HZ   sing N N 201 
PHE OXT HXT  sing N N 202 
SER N   CA   sing N N 203 
SER N   H    sing N N 204 
SER N   H2   sing N N 205 
SER CA  C    sing N N 206 
SER CA  CB   sing N N 207 
SER CA  HA   sing N N 208 
SER C   O    doub N N 209 
SER C   OXT  sing N N 210 
SER CB  OG   sing N N 211 
SER CB  HB2  sing N N 212 
SER CB  HB3  sing N N 213 
SER OG  HG   sing N N 214 
SER OXT HXT  sing N N 215 
TRP N   CA   sing N N 216 
TRP N   H    sing N N 217 
TRP N   H2   sing N N 218 
TRP CA  C    sing N N 219 
TRP CA  CB   sing N N 220 
TRP CA  HA   sing N N 221 
TRP C   O    doub N N 222 
TRP C   OXT  sing N N 223 
TRP CB  CG   sing N N 224 
TRP CB  HB2  sing N N 225 
TRP CB  HB3  sing N N 226 
TRP CG  CD1  doub Y N 227 
TRP CG  CD2  sing Y N 228 
TRP CD1 NE1  sing Y N 229 
TRP CD1 HD1  sing N N 230 
TRP CD2 CE2  doub Y N 231 
TRP CD2 CE3  sing Y N 232 
TRP NE1 CE2  sing Y N 233 
TRP NE1 HE1  sing N N 234 
TRP CE2 CZ2  sing Y N 235 
TRP CE3 CZ3  doub Y N 236 
TRP CE3 HE3  sing N N 237 
TRP CZ2 CH2  doub Y N 238 
TRP CZ2 HZ2  sing N N 239 
TRP CZ3 CH2  sing Y N 240 
TRP CZ3 HZ3  sing N N 241 
TRP CH2 HH2  sing N N 242 
TRP OXT HXT  sing N N 243 
TYR N   CA   sing N N 244 
TYR N   H    sing N N 245 
TYR N   H2   sing N N 246 
TYR CA  C    sing N N 247 
TYR CA  CB   sing N N 248 
TYR CA  HA   sing N N 249 
TYR C   O    doub N N 250 
TYR C   OXT  sing N N 251 
TYR CB  CG   sing N N 252 
TYR CB  HB2  sing N N 253 
TYR CB  HB3  sing N N 254 
TYR CG  CD1  doub Y N 255 
TYR CG  CD2  sing Y N 256 
TYR CD1 CE1  sing Y N 257 
TYR CD1 HD1  sing N N 258 
TYR CD2 CE2  doub Y N 259 
TYR CD2 HD2  sing N N 260 
TYR CE1 CZ   doub Y N 261 
TYR CE1 HE1  sing N N 262 
TYR CE2 CZ   sing Y N 263 
TYR CE2 HE2  sing N N 264 
TYR CZ  OH   sing N N 265 
TYR OH  HH   sing N N 266 
TYR OXT HXT  sing N N 267 
VAL N   CA   sing N N 268 
VAL N   H    sing N N 269 
VAL N   H2   sing N N 270 
VAL CA  C    sing N N 271 
VAL CA  CB   sing N N 272 
VAL CA  HA   sing N N 273 
VAL C   O    doub N N 274 
VAL C   OXT  sing N N 275 
VAL CB  CG1  sing N N 276 
VAL CB  CG2  sing N N 277 
VAL CB  HB   sing N N 278 
VAL CG1 HG11 sing N N 279 
VAL CG1 HG12 sing N N 280 
VAL CG1 HG13 sing N N 281 
VAL CG2 HG21 sing N N 282 
VAL CG2 HG22 sing N N 283 
VAL CG2 HG23 sing N N 284 
VAL OXT HXT  sing N N 285 
# 
_pdbx_nmr_spectrometer.spectrometer_id   1 
_pdbx_nmr_spectrometer.model             INOVA 
_pdbx_nmr_spectrometer.manufacturer      Varian 
_pdbx_nmr_spectrometer.field_strength    600 
_pdbx_nmr_spectrometer.type              ? 
# 
_atom_sites.entry_id                    6CMH 
_atom_sites.fract_transf_matrix[1][1]   1.000000 
_atom_sites.fract_transf_matrix[1][2]   0.000000 
_atom_sites.fract_transf_matrix[1][3]   0.000000 
_atom_sites.fract_transf_matrix[2][1]   0.000000 
_atom_sites.fract_transf_matrix[2][2]   1.000000 
_atom_sites.fract_transf_matrix[2][3]   0.000000 
_atom_sites.fract_transf_matrix[3][1]   0.000000 
_atom_sites.fract_transf_matrix[3][2]   0.000000 
_atom_sites.fract_transf_matrix[3][3]   1.000000 
_atom_sites.fract_transf_vector[1]      0.00000 
_atom_sites.fract_transf_vector[2]      0.00000 
_atom_sites.fract_transf_vector[3]      0.00000 
# 
loop_
_atom_type.symbol 
C 
H 
N 
O 
S 
# 
loop_
_atom_site.group_PDB 
_atom_site.id 
_atom_site.type_symbol 
_atom_site.label_atom_id 
_atom_site.label_alt_id 
_atom_site.label_comp_id 
_atom_site.label_asym_id 
_atom_site.label_entity_id 
_atom_site.label_seq_id 
_atom_site.pdbx_PDB_ins_code 
_atom_site.Cartn_x 
_atom_site.Cartn_y 
_atom_site.Cartn_z 
_atom_site.occupancy 
_atom_site.B_iso_or_equiv 
_atom_site.pdbx_formal_charge 
_atom_site.auth_seq_id 
_atom_site.auth_comp_id 
_atom_site.auth_asym_id 
_atom_site.auth_atom_id 
_atom_site.pdbx_PDB_model_num 
ATOM   1   N N    . CYS A 1 1  ? -11.096 -10.179 -6.286 1.00 0.00 ? 1  CYS A N    1 
ATOM   2   C CA   . CYS A 1 1  ? -10.710 -10.486 -4.914 1.00 0.00 ? 1  CYS A CA   1 
ATOM   3   C C    . CYS A 1 1  ? -9.597  -9.560  -4.467 1.00 0.00 ? 1  CYS A C    1 
ATOM   4   O O    . CYS A 1 1  ? -8.450  -9.971  -4.413 1.00 0.00 ? 1  CYS A O    1 
ATOM   5   C CB   . CYS A 1 1  ? -10.359 -11.995 -4.807 1.00 0.00 ? 1  CYS A CB   1 
ATOM   6   S SG   . CYS A 1 1  ? -9.172  -12.514 -6.093 1.00 0.00 ? 1  CYS A SG   1 
ATOM   7   H H1   . CYS A 1 1  ? -11.976 -10.508 -6.635 1.00 0.00 ? 1  CYS A H1   1 
ATOM   8   H H2   . CYS A 1 1  ? -10.451 -9.710  -6.893 1.00 0.00 ? 1  CYS A H2   1 
ATOM   9   H HA   . CYS A 1 1  ? -11.572 -10.309 -4.246 1.00 0.00 ? 1  CYS A HA   1 
ATOM   10  H HB2  . CYS A 1 1  ? -9.970  -12.236 -3.805 1.00 0.00 ? 1  CYS A HB2  1 
ATOM   11  H HB3  . CYS A 1 1  ? -11.273 -12.589 -4.975 1.00 0.00 ? 1  CYS A HB3  1 
ATOM   12  H HG   . CYS A 1 1  ? -8.342  -12.071 -5.736 1.00 0.00 ? 1  CYS A HG   1 
ATOM   13  N N    . SER A 1 2  ? -9.936  -8.290  -4.142 1.00 0.00 ? 2  SER A N    1 
ATOM   14  C CA   . SER A 1 2  ? -8.928  -7.345  -3.661 1.00 0.00 ? 2  SER A CA   1 
ATOM   15  C C    . SER A 1 2  ? -7.836  -7.145  -4.686 1.00 0.00 ? 2  SER A C    1 
ATOM   16  O O    . SER A 1 2  ? -6.675  -7.109  -4.308 1.00 0.00 ? 2  SER A O    1 
ATOM   17  C CB   . SER A 1 2  ? -8.401  -7.777  -2.265 1.00 0.00 ? 2  SER A CB   1 
ATOM   18  O OG   . SER A 1 2  ? -7.508  -6.799  -1.706 1.00 0.00 ? 2  SER A OG   1 
ATOM   19  H H    . SER A 1 2  ? -10.887 -7.976  -4.209 1.00 0.00 ? 2  SER A H    1 
ATOM   20  H HA   . SER A 1 2  ? -9.387  -6.350  -3.530 1.00 0.00 ? 2  SER A HA   1 
ATOM   21  H HB2  . SER A 1 2  ? -9.257  -7.869  -1.579 1.00 0.00 ? 2  SER A HB2  1 
ATOM   22  H HB3  . SER A 1 2  ? -7.899  -8.755  -2.311 1.00 0.00 ? 2  SER A HB3  1 
ATOM   23  H HG   . SER A 1 2  ? -6.722  -6.683  -2.229 1.00 0.00 ? 2  SER A HG   1 
ATOM   24  N N    . ALA A 1 3  ? -8.200  -6.991  -5.981 1.00 0.00 ? 3  ALA A N    1 
ATOM   25  C CA   . ALA A 1 3  ? -7.206  -6.668  -7.005 1.00 0.00 ? 3  ALA A CA   1 
ATOM   26  C C    . ALA A 1 3  ? -5.991  -7.559  -6.886 1.00 0.00 ? 3  ALA A C    1 
ATOM   27  O O    . ALA A 1 3  ? -4.918  -7.066  -6.579 1.00 0.00 ? 3  ALA A O    1 
ATOM   28  C CB   . ALA A 1 3  ? -6.853  -5.163  -6.875 1.00 0.00 ? 3  ALA A CB   1 
ATOM   29  H H    . ALA A 1 3  ? -9.165  -7.024  -6.254 1.00 0.00 ? 3  ALA A H    1 
ATOM   30  H HA   . ALA A 1 3  ? -7.630  -6.831  -8.011 1.00 0.00 ? 3  ALA A HA   1 
ATOM   31  H HB1  . ALA A 1 3  ? -7.762  -4.555  -6.992 1.00 0.00 ? 3  ALA A HB1  1 
ATOM   32  H HB2  . ALA A 1 3  ? -6.418  -4.954  -5.887 1.00 0.00 ? 3  ALA A HB2  1 
ATOM   33  H HB3  . ALA A 1 3  ? -6.128  -4.869  -7.651 1.00 0.00 ? 3  ALA A HB3  1 
ATOM   34  N N    . SER A 1 4  ? -6.155  -8.882  -7.121 1.00 0.00 ? 4  SER A N    1 
ATOM   35  C CA   . SER A 1 4  ? -5.024  -9.801  -6.990 1.00 0.00 ? 4  SER A CA   1 
ATOM   36  C C    . SER A 1 4  ? -4.355  -9.614  -5.648 1.00 0.00 ? 4  SER A C    1 
ATOM   37  O O    . SER A 1 4  ? -3.137  -9.627  -5.575 1.00 0.00 ? 4  SER A O    1 
ATOM   38  C CB   . SER A 1 4  ? -4.050  -9.618  -8.187 1.00 0.00 ? 4  SER A CB   1 
ATOM   39  O OG   . SER A 1 4  ? -2.924  -10.507 -8.107 1.00 0.00 ? 4  SER A OG   1 
ATOM   40  H H    . SER A 1 4  ? -7.049  -9.253  -7.383 1.00 0.00 ? 4  SER A H    1 
ATOM   41  H HA   . SER A 1 4  ? -5.389  -10.842 -7.007 1.00 0.00 ? 4  SER A HA   1 
ATOM   42  H HB2  . SER A 1 4  ? -4.592  -9.777  -9.134 1.00 0.00 ? 4  SER A HB2  1 
ATOM   43  H HB3  . SER A 1 4  ? -3.651  -8.593  -8.193 1.00 0.00 ? 4  SER A HB3  1 
ATOM   44  H HG   . SER A 1 4  ? -3.180  -11.424 -8.122 1.00 0.00 ? 4  SER A HG   1 
ATOM   45  N N    . SER A 1 5  ? -5.154  -9.439  -4.570 1.00 0.00 ? 5  SER A N    1 
ATOM   46  C CA   . SER A 1 5  ? -4.583  -9.253  -3.238 1.00 0.00 ? 5  SER A CA   1 
ATOM   47  C C    . SER A 1 5  ? -3.571  -8.129  -3.163 1.00 0.00 ? 5  SER A C    1 
ATOM   48  O O    . SER A 1 5  ? -2.597  -8.288  -2.444 1.00 0.00 ? 5  SER A O    1 
ATOM   49  C CB   . SER A 1 5  ? -4.022  -10.604 -2.723 1.00 0.00 ? 5  SER A CB   1 
ATOM   50  O OG   . SER A 1 5  ? -3.654  -10.481 -1.338 1.00 0.00 ? 5  SER A OG   1 
ATOM   51  H H    . SER A 1 5  ? -6.153  -9.467  -4.657 1.00 0.00 ? 5  SER A H    1 
ATOM   52  H HA   . SER A 1 5  ? -5.382  -8.959  -2.538 1.00 0.00 ? 5  SER A HA   1 
ATOM   53  H HB2  . SER A 1 5  ? -4.801  -11.378 -2.833 1.00 0.00 ? 5  SER A HB2  1 
ATOM   54  H HB3  . SER A 1 5  ? -3.147  -10.899 -3.324 1.00 0.00 ? 5  SER A HB3  1 
ATOM   55  H HG   . SER A 1 5  ? -3.306  -11.291 -0.976 1.00 0.00 ? 5  SER A HG   1 
ATOM   56  N N    . LEU A 1 6  ? -3.787  -6.987  -3.866 1.00 0.00 ? 6  LEU A N    1 
ATOM   57  C CA   . LEU A 1 6  ? -2.942  -5.807  -3.661 1.00 0.00 ? 6  LEU A CA   1 
ATOM   58  C C    . LEU A 1 6  ? -3.766  -4.834  -2.839 1.00 0.00 ? 6  LEU A C    1 
ATOM   59  O O    . LEU A 1 6  ? -3.732  -4.973  -1.628 1.00 0.00 ? 6  LEU A O    1 
ATOM   60  C CB   . LEU A 1 6  ? -2.359  -5.167  -4.958 1.00 0.00 ? 6  LEU A CB   1 
ATOM   61  C CG   . LEU A 1 6  ? -1.024  -5.794  -5.459 1.00 0.00 ? 6  LEU A CG   1 
ATOM   62  C CD1  . LEU A 1 6  ? -1.182  -7.304  -5.776 1.00 0.00 ? 6  LEU A CD1  1 
ATOM   63  C CD2  . LEU A 1 6  ? -0.523  -5.036  -6.721 1.00 0.00 ? 6  LEU A CD2  1 
ATOM   64  H H    . LEU A 1 6  ? -4.581  -6.890  -4.468 1.00 0.00 ? 6  LEU A H    1 
ATOM   65  H HA   . LEU A 1 6  ? -2.065  -6.047  -3.041 1.00 0.00 ? 6  LEU A HA   1 
ATOM   66  H HB2  . LEU A 1 6  ? -3.109  -5.212  -5.762 1.00 0.00 ? 6  LEU A HB2  1 
ATOM   67  H HB3  . LEU A 1 6  ? -2.138  -4.107  -4.747 1.00 0.00 ? 6  LEU A HB3  1 
ATOM   68  H HG   . LEU A 1 6  ? -0.254  -5.683  -4.675 1.00 0.00 ? 6  LEU A HG   1 
ATOM   69  H HD11 . LEU A 1 6  ? -1.992  -7.454  -6.505 1.00 0.00 ? 6  LEU A HD11 1 
ATOM   70  H HD12 . LEU A 1 6  ? -0.250  -7.711  -6.198 1.00 0.00 ? 6  LEU A HD12 1 
ATOM   71  H HD13 . LEU A 1 6  ? -1.409  -7.865  -4.859 1.00 0.00 ? 6  LEU A HD13 1 
ATOM   72  H HD21 . LEU A 1 6  ? -0.380  -3.967  -6.500 1.00 0.00 ? 6  LEU A HD21 1 
ATOM   73  H HD22 . LEU A 1 6  ? 0.441   -5.446  -7.062 1.00 0.00 ? 6  LEU A HD22 1 
ATOM   74  H HD23 . LEU A 1 6  ? -1.252  -5.130  -7.541 1.00 0.00 ? 6  LEU A HD23 1 
ATOM   75  N N    . LEU A 1 7  ? -4.492  -3.867  -3.457 1.00 0.00 ? 7  LEU A N    1 
ATOM   76  C CA   . LEU A 1 7  ? -5.227  -2.831  -2.723 1.00 0.00 ? 7  LEU A CA   1 
ATOM   77  C C    . LEU A 1 7  ? -4.540  -2.385  -1.445 1.00 0.00 ? 7  LEU A C    1 
ATOM   78  O O    . LEU A 1 7  ? -3.865  -1.367  -1.473 1.00 0.00 ? 7  LEU A O    1 
ATOM   79  C CB   . LEU A 1 7  ? -6.722  -3.249  -2.590 1.00 0.00 ? 7  LEU A CB   1 
ATOM   80  C CG   . LEU A 1 7  ? -7.718  -2.154  -2.087 1.00 0.00 ? 7  LEU A CG   1 
ATOM   81  C CD1  . LEU A 1 7  ? -7.472  -1.704  -0.620 1.00 0.00 ? 7  LEU A CD1  1 
ATOM   82  C CD2  . LEU A 1 7  ? -7.784  -0.916  -3.025 1.00 0.00 ? 7  LEU A CD2  1 
ATOM   83  H H    . LEU A 1 7  ? -4.569  -3.847  -4.455 1.00 0.00 ? 7  LEU A H    1 
ATOM   84  H HA   . LEU A 1 7  ? -5.221  -1.943  -3.377 1.00 0.00 ? 7  LEU A HA   1 
ATOM   85  H HB2  . LEU A 1 7  ? -7.059  -3.565  -3.592 1.00 0.00 ? 7  LEU A HB2  1 
ATOM   86  H HB3  . LEU A 1 7  ? -6.800  -4.135  -1.945 1.00 0.00 ? 7  LEU A HB3  1 
ATOM   87  H HG   . LEU A 1 7  ? -8.718  -2.626  -2.107 1.00 0.00 ? 7  LEU A HG   1 
ATOM   88  H HD11 . LEU A 1 7  ? -7.385  -2.577  0.045  1.00 0.00 ? 7  LEU A HD11 1 
ATOM   89  H HD12 . LEU A 1 7  ? -6.561  -1.095  -0.533 1.00 0.00 ? 7  LEU A HD12 1 
ATOM   90  H HD13 . LEU A 1 7  ? -8.315  -1.090  -0.271 1.00 0.00 ? 7  LEU A HD13 1 
ATOM   91  H HD21 . LEU A 1 7  ? -7.928  -1.230  -4.070 1.00 0.00 ? 7  LEU A HD21 1 
ATOM   92  H HD22 . LEU A 1 7  ? -8.631  -0.272  -2.739 1.00 0.00 ? 7  LEU A HD22 1 
ATOM   93  H HD23 . LEU A 1 7  ? -6.867  -0.314  -2.958 1.00 0.00 ? 7  LEU A HD23 1 
ATOM   94  N N    . ASP A 1 8  ? -4.688  -3.103  -0.306 1.00 0.00 ? 8  ASP A N    1 
ATOM   95  C CA   . ASP A 1 8  ? -4.053  -2.656  0.931  1.00 0.00 ? 8  ASP A CA   1 
ATOM   96  C C    . ASP A 1 8  ? -2.550  -2.657  0.772  1.00 0.00 ? 8  ASP A C    1 
ATOM   97  O O    . ASP A 1 8  ? -1.909  -1.749  1.271  1.00 0.00 ? 8  ASP A O    1 
ATOM   98  C CB   . ASP A 1 8  ? -4.434  -3.545  2.144  1.00 0.00 ? 8  ASP A CB   1 
ATOM   99  C CG   . ASP A 1 8  ? -3.938  -4.955  1.948  1.00 0.00 ? 8  ASP A CG   1 
ATOM   100 O OD1  . ASP A 1 8  ? -4.532  -5.680  1.106  1.00 0.00 ? 8  ASP A OD1  1 
ATOM   101 O OD2  . ASP A 1 8  ? -2.947  -5.346  2.626  1.00 0.00 ? 8  ASP A OD2  1 
ATOM   102 H H    . ASP A 1 8  ? -5.200  -3.962  -0.291 1.00 0.00 ? 8  ASP A H    1 
ATOM   103 H HA   . ASP A 1 8  ? -4.407  -1.634  1.146  1.00 0.00 ? 8  ASP A HA   1 
ATOM   104 H HB2  . ASP A 1 8  ? -3.999  -3.120  3.063  1.00 0.00 ? 8  ASP A HB2  1 
ATOM   105 H HB3  . ASP A 1 8  ? -5.530  -3.560  2.261  1.00 0.00 ? 8  ASP A HB3  1 
ATOM   106 N N    . LYS A 1 9  ? -1.962  -3.665  0.088  1.00 0.00 ? 9  LYS A N    1 
ATOM   107 C CA   . LYS A 1 9  ? -0.507  -3.711  -0.056 1.00 0.00 ? 9  LYS A CA   1 
ATOM   108 C C    . LYS A 1 9  ? 0.001   -2.389  -0.593 1.00 0.00 ? 9  LYS A C    1 
ATOM   109 O O    . LYS A 1 9  ? 0.927   -1.828  -0.026 1.00 0.00 ? 9  LYS A O    1 
ATOM   110 C CB   . LYS A 1 9  ? -0.088  -4.836  -1.051 1.00 0.00 ? 9  LYS A CB   1 
ATOM   111 C CG   . LYS A 1 9  ? 1.447   -5.069  -1.145 1.00 0.00 ? 9  LYS A CG   1 
ATOM   112 C CD   . LYS A 1 9  ? 2.063   -5.876  0.035  1.00 0.00 ? 9  LYS A CD   1 
ATOM   113 C CE   . LYS A 1 9  ? 1.594   -7.358  0.098  1.00 0.00 ? 9  LYS A CE   1 
ATOM   114 N NZ   . LYS A 1 9  ? 2.408   -8.145  1.053  1.00 0.00 ? 9  LYS A NZ   1 
ATOM   115 H H    . LYS A 1 9  ? -2.510  -4.404  -0.303 1.00 0.00 ? 9  LYS A H    1 
ATOM   116 H HA   . LYS A 1 9  ? -0.076  -3.912  0.937  1.00 0.00 ? 9  LYS A HA   1 
ATOM   117 H HB2  . LYS A 1 9  ? -0.592  -5.777  -0.788 1.00 0.00 ? 9  LYS A HB2  1 
ATOM   118 H HB3  . LYS A 1 9  ? -0.447  -4.548  -2.051 1.00 0.00 ? 9  LYS A HB3  1 
ATOM   119 H HG2  . LYS A 1 9  ? 1.664   -5.620  -2.076 1.00 0.00 ? 9  LYS A HG2  1 
ATOM   120 H HG3  . LYS A 1 9  ? 1.956   -4.093  -1.219 1.00 0.00 ? 9  LYS A HG3  1 
ATOM   121 H HD2  . LYS A 1 9  ? 3.152   -5.889  -0.121 1.00 0.00 ? 9  LYS A HD2  1 
ATOM   122 H HD3  . LYS A 1 9  ? 1.860   -5.380  0.996  1.00 0.00 ? 9  LYS A HD3  1 
ATOM   123 H HE2  . LYS A 1 9  ? 0.539   -7.415  0.411  1.00 0.00 ? 9  LYS A HE2  1 
ATOM   124 H HE3  . LYS A 1 9  ? 1.680   -7.814  -0.903 1.00 0.00 ? 9  LYS A HE3  1 
ATOM   125 H HZ1  . LYS A 1 9  ? 2.357   -7.735  2.053  1.00 0.00 ? 9  LYS A HZ1  1 
ATOM   126 H HZ2  . LYS A 1 9  ? 2.068   -9.171  1.110  1.00 0.00 ? 9  LYS A HZ2  1 
ATOM   127 H HZ3  . LYS A 1 9  ? 3.449   -8.183  0.765  1.00 0.00 ? 9  LYS A HZ3  1 
ATOM   128 N N    . GLU A 1 10 ? -0.597  -1.893  -1.700 1.00 0.00 ? 10 GLU A N    1 
ATOM   129 C CA   . GLU A 1 10 ? -0.080  -0.685  -2.343 1.00 0.00 ? 10 GLU A CA   1 
ATOM   130 C C    . GLU A 1 10 ? -0.394  0.505   -1.467 1.00 0.00 ? 10 GLU A C    1 
ATOM   131 O O    . GLU A 1 10 ? 0.513   1.261   -1.156 1.00 0.00 ? 10 GLU A O    1 
ATOM   132 C CB   . GLU A 1 10 ? -0.665  -0.558  -3.779 1.00 0.00 ? 10 GLU A CB   1 
ATOM   133 C CG   . GLU A 1 10 ? -0.047  0.606   -4.599 1.00 0.00 ? 10 GLU A CG   1 
ATOM   134 C CD   . GLU A 1 10 ? -0.493  1.952   -4.094 1.00 0.00 ? 10 GLU A CD   1 
ATOM   135 O OE1  . GLU A 1 10 ? -1.728  2.210   -4.111 1.00 0.00 ? 10 GLU A OE1  1 
ATOM   136 O OE2  . GLU A 1 10 ? 0.378   2.766   -3.688 1.00 0.00 ? 10 GLU A OE2  1 
ATOM   137 H H    . GLU A 1 10 ? -1.400  -2.343  -2.098 1.00 0.00 ? 10 GLU A H    1 
ATOM   138 H HA   . GLU A 1 10 ? 1.015   -0.788  -2.442 1.00 0.00 ? 10 GLU A HA   1 
ATOM   139 H HB2  . GLU A 1 10 ? -0.448  -1.499  -4.314 1.00 0.00 ? 10 GLU A HB2  1 
ATOM   140 H HB3  . GLU A 1 10 ? -1.761  -0.443  -3.739 1.00 0.00 ? 10 GLU A HB3  1 
ATOM   141 H HG2  . GLU A 1 10 ? 1.052   0.532   -4.590 1.00 0.00 ? 10 GLU A HG2  1 
ATOM   142 H HG3  . GLU A 1 10 ? -0.381  0.527   -5.648 1.00 0.00 ? 10 GLU A HG3  1 
HETATM 143 N N    . AIB A 1 11 ? -1.673  0.675   -1.056 1.00 0.00 ? 11 AIB A N    1 
HETATM 144 C CA   . AIB A 1 11 ? -2.045  1.804   -0.199 1.00 0.00 ? 11 AIB A CA   1 
HETATM 145 C C    . AIB A 1 11 ? -1.117  1.896   0.994  1.00 0.00 ? 11 AIB A C    1 
HETATM 146 O O    . AIB A 1 11 ? -0.588  2.961   1.268  1.00 0.00 ? 11 AIB A O    1 
HETATM 147 C CB1  . AIB A 1 11 ? -3.479  1.596   0.370  1.00 0.00 ? 11 AIB A CB1  1 
HETATM 148 C CB2  . AIB A 1 11 ? -2.030  3.115   -1.033 1.00 0.00 ? 11 AIB A CB2  1 
HETATM 149 H H    . AIB A 1 11 ? -2.388  0.033   -1.340 1.00 0.00 ? 11 AIB A H    1 
HETATM 150 H HB11 . AIB A 1 11 ? -3.758  2.433   1.029  1.00 0.00 ? 11 AIB A HB11 1 
HETATM 151 H HB12 . AIB A 1 11 ? -4.216  1.532   -0.445 1.00 0.00 ? 11 AIB A HB12 1 
HETATM 152 H HB13 . AIB A 1 11 ? -3.539  0.668   0.956  1.00 0.00 ? 11 AIB A HB13 1 
HETATM 153 H HB21 . AIB A 1 11 ? -1.026  3.311   -1.433 1.00 0.00 ? 11 AIB A HB21 1 
HETATM 154 H HB22 . AIB A 1 11 ? -2.331  3.975   -0.416 1.00 0.00 ? 11 AIB A HB22 1 
HETATM 155 H HB23 . AIB A 1 11 ? -2.732  3.030   -1.874 1.00 0.00 ? 11 AIB A HB23 1 
ATOM   156 N N    . VAL A 1 12 ? -0.915  0.776   1.725  1.00 0.00 ? 12 VAL A N    1 
ATOM   157 C CA   . VAL A 1 12 ? -0.157  0.836   2.970  1.00 0.00 ? 12 VAL A CA   1 
ATOM   158 C C    . VAL A 1 12 ? 1.277   1.151   2.644  1.00 0.00 ? 12 VAL A C    1 
ATOM   159 O O    . VAL A 1 12 ? 1.804   2.100   3.202  1.00 0.00 ? 12 VAL A O    1 
ATOM   160 C CB   . VAL A 1 12 ? -0.250  -0.466  3.822  1.00 0.00 ? 12 VAL A CB   1 
ATOM   161 C CG1  . VAL A 1 12 ? 0.733   -0.423  5.028  1.00 0.00 ? 12 VAL A CG1  1 
ATOM   162 C CG2  . VAL A 1 12 ? -1.701  -0.670  4.347  1.00 0.00 ? 12 VAL A CG2  1 
ATOM   163 H H    . VAL A 1 12 ? -1.280  -0.103  1.427  1.00 0.00 ? 12 VAL A H    1 
ATOM   164 H HA   . VAL A 1 12 ? -0.573  1.645   3.590  1.00 0.00 ? 12 VAL A HA   1 
ATOM   165 H HB   . VAL A 1 12 ? 0.025   -1.328  3.189  1.00 0.00 ? 12 VAL A HB   1 
ATOM   166 H HG11 . VAL A 1 12 ? 0.528   0.457   5.658  1.00 0.00 ? 12 VAL A HG11 1 
ATOM   167 H HG12 . VAL A 1 12 ? 0.620   -1.328  5.645  1.00 0.00 ? 12 VAL A HG12 1 
ATOM   168 H HG13 . VAL A 1 12 ? 1.780   -0.374  4.696  1.00 0.00 ? 12 VAL A HG13 1 
ATOM   169 H HG21 . VAL A 1 12 ? -2.436  -0.657  3.530  1.00 0.00 ? 12 VAL A HG21 1 
ATOM   170 H HG22 . VAL A 1 12 ? -1.785  -1.637  4.867  1.00 0.00 ? 12 VAL A HG22 1 
ATOM   171 H HG23 . VAL A 1 12 ? -1.966  0.130   5.056  1.00 0.00 ? 12 VAL A HG23 1 
ATOM   172 N N    . TYR A 1 13 ? 1.936   0.368   1.764  1.00 0.00 ? 13 TYR A N    1 
ATOM   173 C CA   . TYR A 1 13 ? 3.370   0.564   1.570  1.00 0.00 ? 13 TYR A CA   1 
ATOM   174 C C    . TYR A 1 13 ? 3.619   1.980   1.109  1.00 0.00 ? 13 TYR A C    1 
ATOM   175 O O    . TYR A 1 13 ? 4.438   2.658   1.708  1.00 0.00 ? 13 TYR A O    1 
ATOM   176 C CB   . TYR A 1 13 ? 3.985   -0.440  0.555  1.00 0.00 ? 13 TYR A CB   1 
ATOM   177 C CG   . TYR A 1 13 ? 4.099   -1.896  1.052  1.00 0.00 ? 13 TYR A CG   1 
ATOM   178 C CD1  . TYR A 1 13 ? 3.444   -2.381  2.191  1.00 0.00 ? 13 TYR A CD1  1 
ATOM   179 C CD2  . TYR A 1 13 ? 4.908   -2.775  0.323  1.00 0.00 ? 13 TYR A CD2  1 
ATOM   180 C CE1  . TYR A 1 13 ? 3.622   -3.704  2.606  1.00 0.00 ? 13 TYR A CE1  1 
ATOM   181 C CE2  . TYR A 1 13 ? 5.104   -4.094  0.745  1.00 0.00 ? 13 TYR A CE2  1 
ATOM   182 C CZ   . TYR A 1 13 ? 4.462   -4.565  1.896  1.00 0.00 ? 13 TYR A CZ   1 
ATOM   183 O OH   . TYR A 1 13 ? 4.637   -5.878  2.346  1.00 0.00 ? 13 TYR A OH   1 
ATOM   184 H H    . TYR A 1 13 ? 1.467   -0.365  1.266  1.00 0.00 ? 13 TYR A H    1 
ATOM   185 H HA   . TYR A 1 13 ? 3.887   0.426   2.536  1.00 0.00 ? 13 TYR A HA   1 
ATOM   186 H HB2  . TYR A 1 13 ? 3.404   -0.429  -0.381 1.00 0.00 ? 13 TYR A HB2  1 
ATOM   187 H HB3  . TYR A 1 13 ? 5.008   -0.097  0.327  1.00 0.00 ? 13 TYR A HB3  1 
ATOM   188 H HD1  . TYR A 1 13 ? 2.792   -1.753  2.780  1.00 0.00 ? 13 TYR A HD1  1 
ATOM   189 H HD2  . TYR A 1 13 ? 5.397   -2.434  -0.584 1.00 0.00 ? 13 TYR A HD2  1 
ATOM   190 H HE1  . TYR A 1 13 ? 3.104   -4.070  3.486  1.00 0.00 ? 13 TYR A HE1  1 
ATOM   191 H HE2  . TYR A 1 13 ? 5.756   -4.745  0.171  1.00 0.00 ? 13 TYR A HE2  1 
ATOM   192 H HH   . TYR A 1 13 ? 5.227   -6.399  1.813  1.00 0.00 ? 13 TYR A HH   1 
ATOM   193 N N    . PHE A 1 14 ? 2.931   2.451   0.047  1.00 0.00 ? 14 PHE A N    1 
ATOM   194 C CA   . PHE A 1 14 ? 3.230   3.785   -0.465 1.00 0.00 ? 14 PHE A CA   1 
ATOM   195 C C    . PHE A 1 14 ? 2.900   4.853   0.551  1.00 0.00 ? 14 PHE A C    1 
ATOM   196 O O    . PHE A 1 14 ? 3.711   5.745   0.743  1.00 0.00 ? 14 PHE A O    1 
ATOM   197 C CB   . PHE A 1 14 ? 2.468   4.086   -1.779 1.00 0.00 ? 14 PHE A CB   1 
ATOM   198 C CG   . PHE A 1 14 ? 2.909   5.456   -2.312 1.00 0.00 ? 14 PHE A CG   1 
ATOM   199 C CD1  . PHE A 1 14 ? 4.070   5.565   -3.087 1.00 0.00 ? 14 PHE A CD1  1 
ATOM   200 C CD2  . PHE A 1 14 ? 2.164   6.605   -2.024 1.00 0.00 ? 14 PHE A CD2  1 
ATOM   201 C CE1  . PHE A 1 14 ? 4.482   6.810   -3.570 1.00 0.00 ? 14 PHE A CE1  1 
ATOM   202 C CE2  . PHE A 1 14 ? 2.574   7.851   -2.508 1.00 0.00 ? 14 PHE A CE2  1 
ATOM   203 C CZ   . PHE A 1 14 ? 3.733   7.954   -3.281 1.00 0.00 ? 14 PHE A CZ   1 
ATOM   204 H H    . PHE A 1 14 ? 2.236   1.892   -0.410 1.00 0.00 ? 14 PHE A H    1 
ATOM   205 H HA   . PHE A 1 14 ? 4.309   3.821   -0.694 1.00 0.00 ? 14 PHE A HA   1 
ATOM   206 H HB2  . PHE A 1 14 ? 2.697   3.308   -2.524 1.00 0.00 ? 14 PHE A HB2  1 
ATOM   207 H HB3  . PHE A 1 14 ? 1.385   4.073   -1.591 1.00 0.00 ? 14 PHE A HB3  1 
ATOM   208 H HD1  . PHE A 1 14 ? 4.658   4.682   -3.315 1.00 0.00 ? 14 PHE A HD1  1 
ATOM   209 H HD2  . PHE A 1 14 ? 1.264   6.536   -1.420 1.00 0.00 ? 14 PHE A HD2  1 
ATOM   210 H HE1  . PHE A 1 14 ? 5.383   6.888   -4.171 1.00 0.00 ? 14 PHE A HE1  1 
ATOM   211 H HE2  . PHE A 1 14 ? 1.991   8.739   -2.284 1.00 0.00 ? 14 PHE A HE2  1 
ATOM   212 H HZ   . PHE A 1 14 ? 4.053   8.921   -3.657 1.00 0.00 ? 14 PHE A HZ   1 
ATOM   213 N N    . CYS A 1 15 ? 1.723   4.815   1.220  1.00 0.00 ? 15 CYS A N    1 
ATOM   214 C CA   . CYS A 1 15 ? 1.433   5.865   2.196  1.00 0.00 ? 15 CYS A CA   1 
ATOM   215 C C    . CYS A 1 15 ? 2.441   5.803   3.323  1.00 0.00 ? 15 CYS A C    1 
ATOM   216 O O    . CYS A 1 15 ? 2.811   6.846   3.837  1.00 0.00 ? 15 CYS A O    1 
ATOM   217 C CB   . CYS A 1 15 ? -0.016  5.817   2.752  1.00 0.00 ? 15 CYS A CB   1 
ATOM   218 S SG   . CYS A 1 15 ? -0.286  4.407   3.873  1.00 0.00 ? 15 CYS A SG   1 
ATOM   219 H H    . CYS A 1 15 ? 1.060   4.079   1.071  1.00 0.00 ? 15 CYS A H    1 
ATOM   220 H HA   . CYS A 1 15 ? 1.539   6.834   1.676  1.00 0.00 ? 15 CYS A HA   1 
ATOM   221 H HB2  . CYS A 1 15 ? -0.235  6.740   3.315  1.00 0.00 ? 15 CYS A HB2  1 
ATOM   222 H HB3  . CYS A 1 15 ? -0.730  5.743   1.917  1.00 0.00 ? 15 CYS A HB3  1 
ATOM   223 H HG   . CYS A 1 15 ? 0.315   4.688   4.631  1.00 0.00 ? 15 CYS A HG   1 
ATOM   224 N N    . HIS A 1 16 ? 2.902   4.588   3.709  1.00 0.00 ? 16 HIS A N    1 
ATOM   225 C CA   . HIS A 1 16 ? 3.913   4.480   4.760  1.00 0.00 ? 16 HIS A CA   1 
ATOM   226 C C    . HIS A 1 16 ? 5.106   5.261   4.250  1.00 0.00 ? 16 HIS A C    1 
ATOM   227 O O    . HIS A 1 16 ? 5.572   6.138   4.959  1.00 0.00 ? 16 HIS A O    1 
ATOM   228 C CB   . HIS A 1 16 ? 4.227   2.992   5.096  1.00 0.00 ? 16 HIS A CB   1 
ATOM   229 C CG   . HIS A 1 16 ? 4.856   2.757   6.445  1.00 0.00 ? 16 HIS A CG   1 
ATOM   230 N ND1  . HIS A 1 16 ? 4.171   2.721   7.566  1.00 0.00 ? 16 HIS A ND1  1 
ATOM   231 C CD2  . HIS A 1 16 ? 6.162   2.532   6.695  1.00 0.00 ? 16 HIS A CD2  1 
ATOM   232 C CE1  . HIS A 1 16 ? 4.967   2.467   8.556  1.00 0.00 ? 16 HIS A CE1  1 
ATOM   233 N NE2  . HIS A 1 16 ? 6.139   2.349   8.122  1.00 0.00 ? 16 HIS A NE2  1 
ATOM   234 H H    . HIS A 1 16 ? 2.583   3.752   3.264  1.00 0.00 ? 16 HIS A H    1 
ATOM   235 H HA   . HIS A 1 16 ? 3.507   4.951   5.671  1.00 0.00 ? 16 HIS A HA   1 
ATOM   236 H HB2  . HIS A 1 16 ? 3.289   2.419   5.138  1.00 0.00 ? 16 HIS A HB2  1 
ATOM   237 H HB3  . HIS A 1 16 ? 4.855   2.550   4.308  1.00 0.00 ? 16 HIS A HB3  1 
ATOM   238 H HD1  . HIS A 1 16 ? 3.151   2.859   7.648  1.00 0.00 ? 16 HIS A HD1  1 
ATOM   239 H HD2  . HIS A 1 16 ? 7.005   2.491   6.009  1.00 0.00 ? 16 HIS A HD2  1 
ATOM   240 H HE1  . HIS A 1 16 ? 4.675   2.365   9.601  1.00 0.00 ? 16 HIS A HE1  1 
ATOM   241 N N    . LEU A 1 17 ? 5.578   4.992   3.004  1.00 0.00 ? 17 LEU A N    1 
ATOM   242 C CA   . LEU A 1 17 ? 6.531   5.899   2.359  1.00 0.00 ? 17 LEU A CA   1 
ATOM   243 C C    . LEU A 1 17 ? 7.711   6.299   3.224  1.00 0.00 ? 17 LEU A C    1 
ATOM   244 O O    . LEU A 1 17 ? 8.247   7.367   2.973  1.00 0.00 ? 17 LEU A O    1 
ATOM   245 C CB   . LEU A 1 17 ? 6.968   5.531   0.900  1.00 0.00 ? 17 LEU A CB   1 
ATOM   246 C CG   . LEU A 1 17 ? 7.495   4.091   0.604  1.00 0.00 ? 17 LEU A CG   1 
ATOM   247 C CD1  . LEU A 1 17 ? 7.873   3.972   -0.902 1.00 0.00 ? 17 LEU A CD1  1 
ATOM   248 C CD2  . LEU A 1 17 ? 8.722   3.705   1.470  1.00 0.00 ? 17 LEU A CD2  1 
ATOM   249 H H    . LEU A 1 17 ? 5.191   4.248   2.460  1.00 0.00 ? 17 LEU A H    1 
ATOM   250 H HA   . LEU A 1 17 ? 5.967   6.843   2.251  1.00 0.00 ? 17 LEU A HA   1 
ATOM   251 H HB2  . LEU A 1 17 ? 6.104   5.680   0.233  1.00 0.00 ? 17 LEU A HB2  1 
ATOM   252 H HB3  . LEU A 1 17 ? 7.738   6.252   0.581  1.00 0.00 ? 17 LEU A HB3  1 
ATOM   253 H HG   . LEU A 1 17 ? 6.699   3.352   0.791  1.00 0.00 ? 17 LEU A HG   1 
ATOM   254 H HD11 . LEU A 1 17 ? 7.014   4.220   -1.546 1.00 0.00 ? 17 LEU A HD11 1 
ATOM   255 H HD12 . LEU A 1 17 ? 8.699   4.658   -1.146 1.00 0.00 ? 17 LEU A HD12 1 
ATOM   256 H HD13 . LEU A 1 17 ? 8.193   2.947   -1.147 1.00 0.00 ? 17 LEU A HD13 1 
ATOM   257 H HD21 . LEU A 1 17 ? 9.501   4.479   1.398  1.00 0.00 ? 17 LEU A HD21 1 
ATOM   258 H HD22 . LEU A 1 17 ? 8.427   3.582   2.518  1.00 0.00 ? 17 LEU A HD22 1 
ATOM   259 H HD23 . LEU A 1 17 ? 9.148   2.745   1.136  1.00 0.00 ? 17 LEU A HD23 1 
ATOM   260 N N    . ASP A 1 18 ? 8.132   5.508   4.237  1.00 0.00 ? 18 ASP A N    1 
ATOM   261 C CA   . ASP A 1 18 ? 9.291   5.894   5.042  1.00 0.00 ? 18 ASP A CA   1 
ATOM   262 C C    . ASP A 1 18 ? 9.032   7.208   5.750  1.00 0.00 ? 18 ASP A C    1 
ATOM   263 O O    . ASP A 1 18 ? 9.711   8.185   5.478  1.00 0.00 ? 18 ASP A O    1 
ATOM   264 C CB   . ASP A 1 18 ? 10.586  5.894   4.180  1.00 0.00 ? 18 ASP A CB   1 
ATOM   265 C CG   . ASP A 1 18 ? 11.847  6.054   4.993  1.00 0.00 ? 18 ASP A CG   1 
ATOM   266 O OD1  . ASP A 1 18 ? 11.760  6.313   6.224  1.00 0.00 ? 18 ASP A OD1  1 
ATOM   267 O OD2  . ASP A 1 18 ? 12.949  5.917   4.395  1.00 0.00 ? 18 ASP A OD2  1 
ATOM   268 H H    . ASP A 1 18 ? 7.666   4.650   4.461  1.00 0.00 ? 18 ASP A H    1 
ATOM   269 H HA   . ASP A 1 18 ? 9.442   5.136   5.832  1.00 0.00 ? 18 ASP A HA   1 
ATOM   270 H HB2  . ASP A 1 18 ? 10.648  4.930   3.651  1.00 0.00 ? 18 ASP A HB2  1 
ATOM   271 H HB3  . ASP A 1 18 ? 10.565  6.696   3.428  1.00 0.00 ? 18 ASP A HB3  1 
ATOM   272 N N    . ILE A 1 19 ? 8.051   7.223   6.685  1.00 0.00 ? 19 ILE A N    1 
ATOM   273 C CA   . ILE A 1 19 ? 7.822   8.403   7.524  1.00 0.00 ? 19 ILE A CA   1 
ATOM   274 C C    . ILE A 1 19 ? 7.603   9.608   6.639  1.00 0.00 ? 19 ILE A C    1 
ATOM   275 O O    . ILE A 1 19 ? 8.305   10.599  6.764  1.00 0.00 ? 19 ILE A O    1 
ATOM   276 C CB   . ILE A 1 19 ? 8.960   8.566   8.580  1.00 0.00 ? 19 ILE A CB   1 
ATOM   277 C CG1  . ILE A 1 19 ? 9.236   7.188   9.260  1.00 0.00 ? 19 ILE A CG1  1 
ATOM   278 C CG2  . ILE A 1 19 ? 8.593   9.648   9.639  1.00 0.00 ? 19 ILE A CG2  1 
ATOM   279 C CD1  . ILE A 1 19 ? 10.319  7.228   10.371 1.00 0.00 ? 19 ILE A CD1  1 
ATOM   280 H H    . ILE A 1 19 ? 7.499   6.403   6.856  1.00 0.00 ? 19 ILE A H    1 
ATOM   281 H HA   . ILE A 1 19 ? 6.880   8.268   8.081  1.00 0.00 ? 19 ILE A HA   1 
ATOM   282 H HB   . ILE A 1 19 ? 9.880   8.882   8.058  1.00 0.00 ? 19 ILE A HB   1 
ATOM   283 H HG12 . ILE A 1 19 ? 8.300   6.797   9.693  1.00 0.00 ? 19 ILE A HG12 1 
ATOM   284 H HG13 . ILE A 1 19 ? 9.584   6.470   8.498  1.00 0.00 ? 19 ILE A HG13 1 
ATOM   285 H HG21 . ILE A 1 19 ? 8.275   10.592  9.176  1.00 0.00 ? 19 ILE A HG21 1 
ATOM   286 H HG22 . ILE A 1 19 ? 7.770   9.292   10.277 1.00 0.00 ? 19 ILE A HG22 1 
ATOM   287 H HG23 . ILE A 1 19 ? 9.458   9.882   10.277 1.00 0.00 ? 19 ILE A HG23 1 
ATOM   288 H HD11 . ILE A 1 19 ? 11.243  7.689   9.990  1.00 0.00 ? 19 ILE A HD11 1 
ATOM   289 H HD12 . ILE A 1 19 ? 9.972   7.789   11.252 1.00 0.00 ? 19 ILE A HD12 1 
ATOM   290 H HD13 . ILE A 1 19 ? 10.550  6.202   10.702 1.00 0.00 ? 19 ILE A HD13 1 
ATOM   291 N N    . ILE A 1 20 ? 6.627   9.525   5.708  1.00 0.00 ? 20 ILE A N    1 
ATOM   292 C CA   . ILE A 1 20 ? 6.255   10.661  4.851  1.00 0.00 ? 20 ILE A CA   1 
ATOM   293 C C    . ILE A 1 20 ? 7.353   11.330  4.033  1.00 0.00 ? 20 ILE A C    1 
ATOM   294 O O    . ILE A 1 20 ? 6.985   12.151  3.210  1.00 0.00 ? 20 ILE A O    1 
ATOM   295 C CB   . ILE A 1 20 ? 5.181   11.556  5.556  1.00 0.00 ? 20 ILE A CB   1 
ATOM   296 C CG1  . ILE A 1 20 ? 4.489   12.559  4.578  1.00 0.00 ? 20 ILE A CG1  1 
ATOM   297 C CG2  . ILE A 1 20 ? 5.745   12.270  6.814  1.00 0.00 ? 20 ILE A CG2  1 
ATOM   298 C CD1  . ILE A 1 20 ? 3.149   13.139  5.113  1.00 0.00 ? 20 ILE A CD1  1 
ATOM   299 H H    . ILE A 1 20 ? 6.091   8.679   5.634  1.00 0.00 ? 20 ILE A H    1 
ATOM   300 H HA   . ILE A 1 20 ? 5.702   10.189  4.017  1.00 0.00 ? 20 ILE A HA   1 
ATOM   301 H HB   . ILE A 1 20 ? 4.397   10.862  5.910  1.00 0.00 ? 20 ILE A HB   1 
ATOM   302 H HG12 . ILE A 1 20 ? 5.166   13.398  4.354  1.00 0.00 ? 20 ILE A HG12 1 
ATOM   303 H HG13 . ILE A 1 20 ? 4.254   12.045  3.631  1.00 0.00 ? 20 ILE A HG13 1 
ATOM   304 H HG21 . ILE A 1 20 ? 6.099   11.542  7.557  1.00 0.00 ? 20 ILE A HG21 1 
ATOM   305 H HG22 . ILE A 1 20 ? 6.579   12.931  6.533  1.00 0.00 ? 20 ILE A HG22 1 
ATOM   306 H HG23 . ILE A 1 20 ? 4.973   12.871  7.314  1.00 0.00 ? 20 ILE A HG23 1 
ATOM   307 H HD11 . ILE A 1 20 ? 2.466   12.328  5.412  1.00 0.00 ? 20 ILE A HD11 1 
ATOM   308 H HD12 . ILE A 1 20 ? 3.304   13.805  5.973  1.00 0.00 ? 20 ILE A HD12 1 
ATOM   309 H HD13 . ILE A 1 20 ? 2.656   13.728  4.322  1.00 0.00 ? 20 ILE A HD13 1 
ATOM   310 N N    . TRP A 1 21 ? 8.662   10.995  4.164  1.00 0.00 ? 21 TRP A N    1 
ATOM   311 C CA   . TRP A 1 21 ? 9.615   11.053  3.051  1.00 0.00 ? 21 TRP A CA   1 
ATOM   312 C C    . TRP A 1 21 ? 10.950  11.585  3.520  1.00 0.00 ? 21 TRP A C    1 
ATOM   313 O O    . TRP A 1 21 ? 11.901  10.840  3.706  1.00 0.00 ? 21 TRP A O    1 
ATOM   314 C CB   . TRP A 1 21 ? 9.217   11.718  1.704  1.00 0.00 ? 21 TRP A CB   1 
ATOM   315 C CG   . TRP A 1 21 ? 8.052   11.039  1.019  1.00 0.00 ? 21 TRP A CG   1 
ATOM   316 C CD1  . TRP A 1 21 ? 7.928   9.737   0.712  1.00 0.00 ? 21 TRP A CD1  1 
ATOM   317 C CD2  . TRP A 1 21 ? 6.794   11.718  0.542  1.00 0.00 ? 21 TRP A CD2  1 
ATOM   318 N NE1  . TRP A 1 21 ? 6.774   9.530   0.128  1.00 0.00 ? 21 TRP A NE1  1 
ATOM   319 C CE2  . TRP A 1 21 ? 6.070   10.672  0.002  1.00 0.00 ? 21 TRP A CE2  1 
ATOM   320 C CE3  . TRP A 1 21 ? 6.305   13.025  0.559  1.00 0.00 ? 21 TRP A CE3  1 
ATOM   321 C CZ2  . TRP A 1 21 ? 4.813   10.867  -0.568 1.00 0.00 ? 21 TRP A CZ2  1 
ATOM   322 C CZ3  . TRP A 1 21 ? 5.036   13.233  0.004  1.00 0.00 ? 21 TRP A CZ3  1 
ATOM   323 C CH2  . TRP A 1 21 ? 4.305   12.173  -0.558 1.00 0.00 ? 21 TRP A CH2  1 
ATOM   324 O OXT  . TRP A 1 21 ? 11.019  12.906  3.709  1.00 0.00 ? 21 TRP A OXT  1 
ATOM   325 H H    . TRP A 1 21 ? 9.014   10.537  4.974  1.00 0.00 ? 21 TRP A H    1 
ATOM   326 H HA   . TRP A 1 21 ? 9.797   9.994   2.802  1.00 0.00 ? 21 TRP A HA   1 
ATOM   327 H HB2  . TRP A 1 21 ? 9.011   12.786  1.866  1.00 0.00 ? 21 TRP A HB2  1 
ATOM   328 H HB3  . TRP A 1 21 ? 10.068  11.649  1.007  1.00 0.00 ? 21 TRP A HB3  1 
ATOM   329 H HD1  . TRP A 1 21 ? 8.666   8.961   0.911  1.00 0.00 ? 21 TRP A HD1  1 
ATOM   330 H HE1  . TRP A 1 21 ? 6.446   8.609   -0.199 1.00 0.00 ? 21 TRP A HE1  1 
ATOM   331 H HE3  . TRP A 1 21 ? 6.880   13.840  0.982  1.00 0.00 ? 21 TRP A HE3  1 
ATOM   332 H HZ2  . TRP A 1 21 ? 4.255   10.042  -0.998 1.00 0.00 ? 21 TRP A HZ2  1 
ATOM   333 H HZ3  . TRP A 1 21 ? 4.611   14.232  0.009  1.00 0.00 ? 21 TRP A HZ3  1 
ATOM   334 H HH2  . TRP A 1 21 ? 3.330   12.368  -0.992 1.00 0.00 ? 21 TRP A HH2  1 
ATOM   335 H HXT  . TRP A 1 21 ? 11.884  13.193  3.983  1.00 0.00 ? 21 TRP A HXT  1 
# 
